data_3HRP
#
_entry.id   3HRP
#
_cell.length_a   51.104
_cell.length_b   84.915
_cell.length_c   94.327
_cell.angle_alpha   90.00
_cell.angle_beta   90.00
_cell.angle_gamma   90.00
#
_symmetry.space_group_name_H-M   'P 21 21 21'
#
loop_
_entity.id
_entity.type
_entity.pdbx_description
1 polymer 'Uncharacterized protein'
2 non-polymer (4S)-2-METHYL-2,4-PENTANEDIOL
3 non-polymer 1,2-ETHANEDIOL
4 water water
#
_entity_poly.entity_id   1
_entity_poly.type   'polypeptide(L)'
_entity_poly.pdbx_seq_one_letter_code
;GSDDNKTTGATYDPNQPVTVESF(MSE)PVEGKLREKVIVKGSNFGTDKSKVKVYFVDEAAERLSTVIGIDNNTLYCLAP
RQLPGGNRIKVIVDGKEVTTDGTFKYEQAQNVSTISGSASKDGNDDGDLASAKFKY(MSE)WGIAAVGNNTVLAYQRDDP
RVRLISVDDNKVTTVHPGFKGGKPAVTKDKQRVYSIGWEGTHTVYVY(MSE)KASGWAPTRIGQLGSTFSGKIGAVALDE
TEEWLYFVDSNKNFGRFNVKTQEVTLIKQLELSGSLGTNPGPYLIYYFVDSNFY(MSE)SDQNLSSVYKITPDGECEWFC
GSATQKTVQDGLREEALFAQPNG(MSE)TVDEDGNFYIVDGFKGYCLRKLDILDGYVSTVAGQVDVASQIDGTPLEATFN
YPYDICYDGEGGYWIAEAWGKAIRKYAVE
;
_entity_poly.pdbx_strand_id   A
#
loop_
_chem_comp.id
_chem_comp.type
_chem_comp.name
_chem_comp.formula
EDO non-polymer 1,2-ETHANEDIOL 'C2 H6 O2'
MPD non-polymer (4S)-2-METHYL-2,4-PENTANEDIOL 'C6 H14 O2'
#
# COMPACT_ATOMS: atom_id res chain seq x y z
N ALA A 10 -32.26 -28.82 11.33
CA ALA A 10 -31.82 -29.92 10.43
C ALA A 10 -31.37 -29.42 9.05
N THR A 11 -32.34 -28.97 8.25
CA THR A 11 -32.17 -28.77 6.82
C THR A 11 -32.65 -27.37 6.40
N TYR A 12 -32.00 -26.76 5.41
CA TYR A 12 -32.35 -25.41 4.96
C TYR A 12 -33.78 -25.36 4.40
N ASP A 13 -34.54 -24.34 4.82
CA ASP A 13 -35.90 -24.14 4.33
C ASP A 13 -36.00 -22.81 3.57
N PRO A 14 -36.24 -22.86 2.23
CA PRO A 14 -36.32 -21.63 1.46
C PRO A 14 -37.46 -20.71 1.88
N ASN A 15 -38.52 -21.29 2.44
CA ASN A 15 -39.68 -20.54 2.90
C ASN A 15 -39.46 -19.84 4.24
N GLN A 16 -38.36 -20.14 4.94
CA GLN A 16 -38.11 -19.52 6.23
C GLN A 16 -37.04 -18.44 6.18
N PRO A 17 -37.16 -17.47 7.08
CA PRO A 17 -36.09 -16.50 7.11
C PRO A 17 -34.83 -17.12 7.74
N VAL A 18 -33.72 -16.41 7.60
CA VAL A 18 -32.54 -16.66 8.39
C VAL A 18 -32.65 -15.82 9.66
N THR A 19 -32.29 -16.41 10.79
CA THR A 19 -32.23 -15.66 12.04
C THR A 19 -30.87 -15.82 12.68
N VAL A 20 -30.51 -14.82 13.47
CA VAL A 20 -29.34 -14.90 14.33
C VAL A 20 -29.80 -14.53 15.75
N GLU A 21 -29.50 -15.41 16.70
CA GLU A 21 -29.90 -15.21 18.07
C GLU A 21 -28.75 -14.69 18.93
N SER A 22 -27.53 -15.13 18.66
CA SER A 22 -26.40 -14.77 19.49
C SER A 22 -25.08 -15.07 18.81
N PHE A 23 -24.00 -14.59 19.43
CA PHE A 23 -22.66 -14.90 18.96
C PHE A 23 -21.71 -14.85 20.12
N MSE A 24 -20.50 -15.39 19.92
CA MSE A 24 -19.53 -15.46 20.98
CA MSE A 24 -19.52 -15.44 20.98
C MSE A 24 -18.13 -15.60 20.37
O MSE A 24 -18.01 -16.12 19.27
CB MSE A 24 -19.83 -16.68 21.85
CB MSE A 24 -19.80 -16.65 21.88
CG MSE A 24 -19.85 -17.97 21.07
CG MSE A 24 -19.34 -17.94 21.28
SE MSE A 24 -21.25 -19.20 21.67
SE MSE A 24 -20.37 -19.42 21.96
CE MSE A 24 -22.76 -18.11 21.15
CE MSE A 24 -22.06 -19.01 21.06
N PRO A 25 -17.10 -15.07 21.06
CA PRO A 25 -17.15 -14.19 22.22
C PRO A 25 -17.62 -12.80 21.79
N VAL A 26 -17.82 -11.90 22.75
CA VAL A 26 -18.32 -10.56 22.48
C VAL A 26 -17.18 -9.60 22.14
N GLU A 27 -15.95 -10.07 22.22
CA GLU A 27 -14.79 -9.29 21.81
C GLU A 27 -13.62 -10.19 21.43
N GLY A 28 -12.70 -9.65 20.66
CA GLY A 28 -11.58 -10.43 20.19
C GLY A 28 -10.66 -9.65 19.29
N LYS A 29 -9.67 -10.37 18.77
CA LYS A 29 -8.62 -9.82 17.93
C LYS A 29 -8.62 -10.56 16.58
N LEU A 30 -7.66 -10.23 15.72
CA LEU A 30 -7.58 -10.87 14.40
C LEU A 30 -7.52 -12.38 14.53
N ARG A 31 -8.35 -13.04 13.71
CA ARG A 31 -8.49 -14.49 13.59
CA ARG A 31 -8.40 -14.49 13.62
C ARG A 31 -9.14 -15.13 14.80
N GLU A 32 -9.81 -14.32 15.62
CA GLU A 32 -10.60 -14.85 16.74
C GLU A 32 -11.61 -15.87 16.23
N LYS A 33 -11.78 -16.99 16.92
CA LYS A 33 -12.80 -17.95 16.54
CA LYS A 33 -12.80 -17.94 16.53
C LYS A 33 -14.14 -17.47 17.09
N VAL A 34 -15.07 -17.21 16.17
CA VAL A 34 -16.37 -16.66 16.52
C VAL A 34 -17.43 -17.68 16.12
N ILE A 35 -18.36 -17.93 17.03
CA ILE A 35 -19.47 -18.81 16.74
C ILE A 35 -20.69 -17.92 16.71
N VAL A 36 -21.48 -18.08 15.65
CA VAL A 36 -22.74 -17.38 15.49
C VAL A 36 -23.84 -18.44 15.59
N LYS A 37 -24.81 -18.21 16.48
CA LYS A 37 -25.94 -19.12 16.65
C LYS A 37 -27.22 -18.52 16.07
N GLY A 38 -27.94 -19.35 15.32
CA GLY A 38 -29.21 -18.95 14.77
C GLY A 38 -29.95 -20.11 14.14
N SER A 39 -30.63 -19.84 13.03
CA SER A 39 -31.37 -20.87 12.33
C SER A 39 -31.41 -20.64 10.83
N ASN A 40 -31.57 -21.73 10.11
CA ASN A 40 -31.71 -21.76 8.66
C ASN A 40 -30.44 -21.33 7.90
N PHE A 41 -29.27 -21.66 8.46
CA PHE A 41 -28.03 -21.44 7.75
C PHE A 41 -27.75 -22.49 6.68
N GLY A 42 -28.48 -23.60 6.71
CA GLY A 42 -28.17 -24.74 5.87
C GLY A 42 -26.82 -25.35 6.22
N THR A 43 -26.30 -26.12 5.28
CA THR A 43 -25.11 -26.90 5.53
C THR A 43 -24.07 -26.72 4.44
N ASP A 44 -24.30 -25.71 3.60
CA ASP A 44 -23.47 -25.44 2.43
C ASP A 44 -22.78 -24.08 2.60
N LYS A 45 -21.51 -24.10 2.98
CA LYS A 45 -20.72 -22.87 3.15
C LYS A 45 -20.68 -21.98 1.90
N SER A 46 -20.77 -22.57 0.71
CA SER A 46 -20.73 -21.80 -0.53
C SER A 46 -21.91 -20.82 -0.68
N LYS A 47 -22.98 -21.04 0.09
CA LYS A 47 -24.20 -20.23 0.02
CA LYS A 47 -24.15 -20.17 -0.03
C LYS A 47 -24.27 -19.23 1.17
N VAL A 48 -23.15 -19.07 1.89
CA VAL A 48 -23.12 -18.24 3.08
C VAL A 48 -21.99 -17.23 3.01
N LYS A 49 -22.26 -16.02 3.48
CA LYS A 49 -21.21 -15.02 3.74
C LYS A 49 -21.41 -14.43 5.11
N VAL A 50 -20.32 -14.28 5.85
CA VAL A 50 -20.34 -13.62 7.15
C VAL A 50 -19.42 -12.39 7.05
N TYR A 51 -19.93 -11.28 7.56
CA TYR A 51 -19.20 -10.02 7.55
C TYR A 51 -19.17 -9.45 8.93
N PHE A 52 -18.03 -8.85 9.28
CA PHE A 52 -17.96 -8.02 10.46
C PHE A 52 -18.01 -6.62 9.90
N VAL A 53 -18.97 -5.86 10.40
CA VAL A 53 -19.35 -4.62 9.77
C VAL A 53 -18.89 -3.45 10.61
N ASP A 54 -17.98 -2.65 10.04
CA ASP A 54 -17.54 -1.44 10.71
C ASP A 54 -17.98 -0.21 9.92
N GLU A 55 -17.50 0.95 10.35
CA GLU A 55 -17.95 2.23 9.83
CA GLU A 55 -18.00 2.19 9.80
C GLU A 55 -17.55 2.45 8.36
N ALA A 56 -16.50 1.75 7.91
CA ALA A 56 -15.96 1.91 6.57
C ALA A 56 -16.36 0.79 5.61
N ALA A 57 -16.49 -0.41 6.10
CA ALA A 57 -16.76 -1.54 5.20
C ALA A 57 -17.34 -2.74 5.91
N GLU A 58 -17.89 -3.65 5.11
CA GLU A 58 -18.29 -5.00 5.57
C GLU A 58 -17.10 -5.91 5.32
N ARG A 59 -16.52 -6.44 6.39
CA ARG A 59 -15.28 -7.22 6.29
C ARG A 59 -15.64 -8.68 6.20
N LEU A 60 -15.33 -9.29 5.06
CA LEU A 60 -15.63 -10.70 4.86
C LEU A 60 -14.81 -11.57 5.81
N SER A 61 -15.50 -12.52 6.43
CA SER A 61 -14.93 -13.44 7.39
C SER A 61 -14.86 -14.85 6.81
N THR A 62 -13.75 -15.54 7.03
CA THR A 62 -13.61 -16.97 6.68
C THR A 62 -14.49 -17.84 7.55
N VAL A 63 -15.45 -18.54 6.92
CA VAL A 63 -16.28 -19.52 7.59
C VAL A 63 -15.58 -20.87 7.50
N ILE A 64 -15.33 -21.47 8.67
CA ILE A 64 -14.58 -22.72 8.73
C ILE A 64 -15.47 -23.91 8.96
N GLY A 65 -16.65 -23.68 9.54
CA GLY A 65 -17.63 -24.73 9.76
C GLY A 65 -19.04 -24.20 9.78
N ILE A 66 -20.00 -25.06 9.44
CA ILE A 66 -21.38 -24.68 9.32
C ILE A 66 -22.28 -25.85 9.68
N ASP A 67 -23.34 -25.56 10.43
CA ASP A 67 -24.55 -26.38 10.41
C ASP A 67 -25.75 -25.42 10.42
N ASN A 68 -26.96 -25.97 10.34
CA ASN A 68 -28.16 -25.15 10.14
C ASN A 68 -28.39 -24.09 11.22
N ASN A 69 -27.80 -24.30 12.39
CA ASN A 69 -27.97 -23.42 13.53
C ASN A 69 -26.69 -22.76 14.00
N THR A 70 -25.58 -23.00 13.30
CA THR A 70 -24.28 -22.56 13.79
C THR A 70 -23.30 -22.21 12.67
N LEU A 71 -22.61 -21.08 12.83
CA LEU A 71 -21.49 -20.72 11.95
C LEU A 71 -20.24 -20.57 12.79
N TYR A 72 -19.15 -21.19 12.34
CA TYR A 72 -17.83 -21.04 12.94
C TYR A 72 -16.99 -20.24 11.95
N CYS A 73 -16.56 -19.04 12.36
CA CYS A 73 -15.77 -18.20 11.49
C CYS A 73 -14.59 -17.56 12.21
N LEU A 74 -13.72 -16.94 11.43
CA LEU A 74 -12.54 -16.31 11.96
C LEU A 74 -12.68 -14.80 11.80
N ALA A 75 -12.49 -14.05 12.88
CA ALA A 75 -12.58 -12.58 12.80
C ALA A 75 -11.54 -12.02 11.82
N PRO A 76 -11.98 -11.25 10.81
CA PRO A 76 -11.06 -10.61 9.86
C PRO A 76 -10.51 -9.27 10.37
N ARG A 77 -9.50 -8.74 9.70
CA ARG A 77 -9.05 -7.36 9.95
C ARG A 77 -10.28 -6.49 9.82
N GLN A 78 -10.44 -5.60 10.78
CA GLN A 78 -11.60 -4.72 10.83
C GLN A 78 -11.27 -3.58 11.76
N LEU A 79 -12.04 -2.51 11.71
CA LEU A 79 -11.79 -1.35 12.55
C LEU A 79 -12.01 -1.66 14.01
N PRO A 80 -11.19 -1.08 14.90
CA PRO A 80 -11.38 -1.33 16.35
C PRO A 80 -12.72 -0.83 16.81
N GLY A 81 -13.24 -1.44 17.87
CA GLY A 81 -14.50 -1.01 18.43
C GLY A 81 -15.60 -2.00 18.13
N GLY A 82 -16.81 -1.64 18.52
CA GLY A 82 -17.96 -2.53 18.39
C GLY A 82 -18.51 -2.61 16.98
N ASN A 83 -18.47 -3.82 16.40
CA ASN A 83 -18.88 -4.05 15.03
C ASN A 83 -19.97 -5.10 14.99
N ARG A 84 -21.04 -4.84 14.24
CA ARG A 84 -22.12 -5.80 14.09
C ARG A 84 -21.66 -6.94 13.18
N ILE A 85 -22.28 -8.10 13.30
CA ILE A 85 -22.01 -9.23 12.42
C ILE A 85 -23.19 -9.37 11.47
N LYS A 86 -22.89 -9.54 10.18
CA LYS A 86 -23.91 -9.74 9.17
C LYS A 86 -23.77 -11.14 8.59
N VAL A 87 -24.89 -11.85 8.56
CA VAL A 87 -24.95 -13.20 8.00
C VAL A 87 -25.83 -13.13 6.75
N ILE A 88 -25.32 -13.63 5.62
CA ILE A 88 -26.11 -13.81 4.41
C ILE A 88 -26.12 -15.28 4.05
N VAL A 89 -27.33 -15.83 3.89
CA VAL A 89 -27.48 -17.18 3.42
C VAL A 89 -28.48 -17.17 2.29
N ASP A 90 -28.03 -17.54 1.09
CA ASP A 90 -28.94 -17.66 -0.06
C ASP A 90 -29.76 -16.40 -0.21
N GLY A 91 -29.07 -15.25 -0.14
CA GLY A 91 -29.68 -13.95 -0.35
C GLY A 91 -30.27 -13.32 0.92
N LYS A 92 -30.50 -14.13 1.93
CA LYS A 92 -31.22 -13.69 3.13
C LYS A 92 -30.23 -13.09 4.10
N GLU A 93 -30.45 -11.82 4.45
CA GLU A 93 -29.48 -11.03 5.21
CA GLU A 93 -29.49 -11.04 5.19
C GLU A 93 -30.01 -10.66 6.58
N VAL A 94 -29.17 -10.90 7.59
CA VAL A 94 -29.46 -10.53 8.97
CA VAL A 94 -29.48 -10.49 8.95
C VAL A 94 -28.23 -9.87 9.57
N THR A 95 -28.43 -8.76 10.29
CA THR A 95 -27.35 -8.09 10.99
C THR A 95 -27.69 -8.10 12.46
N THR A 96 -26.71 -8.41 13.30
CA THR A 96 -26.94 -8.60 14.71
C THR A 96 -27.33 -7.30 15.40
N ASP A 97 -28.07 -7.44 16.50
CA ASP A 97 -28.38 -6.35 17.41
C ASP A 97 -27.13 -5.99 18.20
N GLY A 98 -26.41 -7.02 18.67
CA GLY A 98 -25.19 -6.80 19.43
C GLY A 98 -23.98 -6.48 18.55
N THR A 99 -22.90 -6.06 19.20
CA THR A 99 -21.66 -5.75 18.54
C THR A 99 -20.54 -6.63 19.11
N PHE A 100 -19.60 -6.94 18.24
CA PHE A 100 -18.38 -7.67 18.58
C PHE A 100 -17.31 -6.62 18.70
N LYS A 101 -16.69 -6.53 19.87
CA LYS A 101 -15.70 -5.47 20.08
C LYS A 101 -14.31 -5.93 19.66
N TYR A 102 -13.85 -5.37 18.56
CA TYR A 102 -12.57 -5.75 17.99
C TYR A 102 -11.42 -4.95 18.59
N GLU A 103 -10.37 -5.67 18.95
CA GLU A 103 -9.14 -5.07 19.46
C GLU A 103 -8.10 -5.16 18.37
N GLN A 104 -7.66 -4.00 17.88
CA GLN A 104 -6.74 -3.94 16.75
C GLN A 104 -5.34 -3.88 17.28
N ALA A 105 -4.41 -4.52 16.57
CA ALA A 105 -2.98 -4.48 16.91
C ALA A 105 -2.24 -3.69 15.87
N GLN A 106 -1.27 -2.89 16.30
CA GLN A 106 -0.42 -2.15 15.37
C GLN A 106 1.02 -2.24 15.84
N ASN A 107 1.93 -2.31 14.89
CA ASN A 107 3.34 -2.44 15.20
C ASN A 107 4.21 -1.93 14.08
N VAL A 108 5.33 -1.30 14.42
CA VAL A 108 6.37 -1.03 13.45
C VAL A 108 7.58 -1.88 13.80
N SER A 109 8.11 -2.62 12.82
CA SER A 109 9.29 -3.42 13.00
C SER A 109 10.29 -3.16 11.89
N THR A 110 11.55 -3.43 12.18
CA THR A 110 12.58 -3.32 11.17
C THR A 110 12.78 -4.69 10.58
N ILE A 111 12.68 -4.77 9.26
CA ILE A 111 12.80 -6.04 8.54
C ILE A 111 14.26 -6.45 8.30
N SER A 112 15.05 -5.51 7.81
CA SER A 112 16.44 -5.75 7.50
C SER A 112 17.08 -4.38 7.32
N GLY A 113 18.35 -4.29 7.63
CA GLY A 113 19.09 -3.05 7.46
C GLY A 113 19.03 -2.16 8.71
N SER A 114 19.86 -1.12 8.69
CA SER A 114 20.03 -0.19 9.80
C SER A 114 20.79 1.00 9.26
N ALA A 115 20.53 2.19 9.81
CA ALA A 115 21.37 3.36 9.52
C ALA A 115 22.82 3.11 9.89
N SER A 116 23.04 2.15 10.83
CA SER A 116 24.39 1.78 11.25
CA SER A 116 24.38 1.79 11.26
C SER A 116 25.07 0.79 10.33
N LYS A 117 24.33 0.31 9.33
N LYS A 117 24.43 0.39 9.23
CA LYS A 117 24.84 -0.61 8.32
CA LYS A 117 24.98 -0.66 8.35
C LYS A 117 24.82 0.14 6.99
C LYS A 117 24.92 -0.34 6.86
N ASP A 118 25.97 0.28 6.37
CA ASP A 118 26.03 0.77 5.01
C ASP A 118 26.76 -0.25 4.12
N GLY A 119 26.08 -0.76 3.10
CA GLY A 119 26.67 -1.76 2.24
C GLY A 119 25.63 -2.34 1.32
N ASN A 120 26.07 -3.27 0.45
CA ASN A 120 25.18 -3.97 -0.47
C ASN A 120 25.01 -5.43 -0.10
N ASP A 121 25.54 -5.82 1.06
CA ASP A 121 25.64 -7.24 1.43
C ASP A 121 24.29 -7.93 1.38
N ASP A 122 24.23 -9.01 0.62
CA ASP A 122 23.13 -9.93 0.74
C ASP A 122 23.39 -10.80 1.97
N GLY A 123 22.46 -11.70 2.26
CA GLY A 123 22.66 -12.67 3.35
C GLY A 123 21.30 -13.06 3.90
N ASP A 124 21.20 -13.11 5.23
CA ASP A 124 19.91 -13.23 5.87
C ASP A 124 19.41 -11.88 6.39
N LEU A 125 18.26 -11.87 7.05
CA LEU A 125 17.69 -10.57 7.38
C LEU A 125 18.59 -9.73 8.27
N ALA A 126 19.24 -10.37 9.24
CA ALA A 126 20.12 -9.66 10.16
C ALA A 126 21.50 -9.29 9.54
N SER A 127 21.95 -10.08 8.57
N SER A 127 21.98 -10.04 8.55
CA SER A 127 23.31 -9.93 8.05
CA SER A 127 23.34 -9.81 8.01
C SER A 127 23.37 -8.97 6.83
C SER A 127 23.37 -8.85 6.82
N ALA A 128 22.22 -8.70 6.18
CA ALA A 128 22.16 -7.90 4.97
C ALA A 128 22.45 -6.45 5.30
N LYS A 129 22.95 -5.72 4.31
CA LYS A 129 23.15 -4.30 4.42
C LYS A 129 22.57 -3.71 3.16
N PHE A 130 22.23 -2.41 3.26
CA PHE A 130 21.63 -1.63 2.20
C PHE A 130 22.25 -0.26 2.15
N LYS A 131 21.97 0.43 1.05
CA LYS A 131 22.26 1.83 0.97
C LYS A 131 20.93 2.52 0.79
N TYR A 132 20.98 3.83 0.56
CA TYR A 132 19.79 4.67 0.40
C TYR A 132 18.78 4.08 -0.59
N MSE A 133 17.57 3.81 -0.09
CA MSE A 133 16.51 3.27 -0.92
C MSE A 133 15.41 4.27 -1.13
O MSE A 133 15.17 5.11 -0.25
CB MSE A 133 15.99 2.00 -0.29
CG MSE A 133 17.00 0.90 -0.44
SE MSE A 133 16.48 -0.73 0.46
CE MSE A 133 16.81 -0.16 2.29
N TRP A 134 14.73 4.14 -2.27
CA TRP A 134 13.70 5.09 -2.63
C TRP A 134 12.52 4.50 -3.41
N GLY A 135 12.41 3.17 -3.40
CA GLY A 135 11.28 2.48 -3.99
C GLY A 135 11.07 1.11 -3.39
N ILE A 136 9.82 0.68 -3.34
CA ILE A 136 9.54 -0.63 -2.80
C ILE A 136 8.29 -1.22 -3.43
N ALA A 137 8.34 -2.53 -3.66
CA ALA A 137 7.18 -3.30 -4.08
C ALA A 137 6.88 -4.41 -3.07
N ALA A 138 5.63 -4.48 -2.58
CA ALA A 138 5.15 -5.61 -1.77
C ALA A 138 4.53 -6.65 -2.69
N VAL A 139 5.09 -7.85 -2.72
CA VAL A 139 4.62 -8.89 -3.64
C VAL A 139 3.94 -10.04 -2.91
N GLY A 140 3.53 -9.79 -1.66
CA GLY A 140 2.83 -10.77 -0.85
C GLY A 140 3.77 -11.77 -0.20
N ASN A 141 3.21 -12.66 0.61
CA ASN A 141 3.99 -13.71 1.28
C ASN A 141 5.20 -13.12 2.00
N ASN A 142 5.05 -11.92 2.56
CA ASN A 142 6.06 -11.26 3.39
C ASN A 142 7.37 -11.00 2.63
N THR A 143 7.19 -10.70 1.34
CA THR A 143 8.29 -10.54 0.42
C THR A 143 8.14 -9.17 -0.26
N VAL A 144 9.26 -8.48 -0.42
CA VAL A 144 9.33 -7.22 -1.11
C VAL A 144 10.54 -7.16 -2.04
N LEU A 145 10.37 -6.36 -3.08
CA LEU A 145 11.48 -5.92 -3.92
CA LEU A 145 11.48 -5.91 -3.93
C LEU A 145 11.76 -4.46 -3.51
N ALA A 146 13.03 -4.14 -3.25
CA ALA A 146 13.43 -2.80 -2.84
C ALA A 146 14.52 -2.23 -3.74
N TYR A 147 14.44 -0.92 -3.98
CA TYR A 147 15.20 -0.25 -5.00
C TYR A 147 16.15 0.77 -4.38
N GLN A 148 17.45 0.49 -4.49
CA GLN A 148 18.49 1.41 -4.00
C GLN A 148 18.79 2.50 -5.00
N ARG A 149 19.01 3.71 -4.47
CA ARG A 149 19.55 4.81 -5.23
C ARG A 149 21.06 4.73 -5.39
N ASP A 150 21.74 4.52 -4.27
CA ASP A 150 23.20 4.51 -4.23
C ASP A 150 23.66 3.08 -4.40
N ASP A 151 24.68 2.89 -5.23
CA ASP A 151 25.00 1.56 -5.79
C ASP A 151 23.68 0.92 -6.21
N PRO A 152 23.02 1.56 -7.20
CA PRO A 152 21.66 1.23 -7.52
C PRO A 152 21.50 -0.22 -7.88
N ARG A 153 20.46 -0.82 -7.31
CA ARG A 153 20.15 -2.21 -7.51
C ARG A 153 18.76 -2.51 -6.98
N VAL A 154 18.26 -3.68 -7.36
CA VAL A 154 16.98 -4.16 -6.86
C VAL A 154 17.23 -5.33 -5.94
N ARG A 155 16.81 -5.19 -4.67
CA ARG A 155 17.00 -6.22 -3.66
C ARG A 155 15.72 -6.99 -3.45
N LEU A 156 15.84 -8.28 -3.14
CA LEU A 156 14.68 -9.11 -2.87
C LEU A 156 14.78 -9.57 -1.42
N ILE A 157 13.80 -9.21 -0.60
CA ILE A 157 13.80 -9.55 0.82
C ILE A 157 12.60 -10.44 1.07
N SER A 158 12.88 -11.67 1.52
CA SER A 158 11.83 -12.61 1.89
C SER A 158 11.90 -12.93 3.38
N VAL A 159 10.92 -12.43 4.13
CA VAL A 159 10.97 -12.56 5.58
C VAL A 159 10.84 -14.02 6.04
N ASP A 160 9.93 -14.76 5.45
CA ASP A 160 9.70 -16.15 5.86
C ASP A 160 10.86 -17.08 5.48
N ASP A 161 11.61 -16.73 4.43
CA ASP A 161 12.84 -17.45 4.08
C ASP A 161 14.10 -16.90 4.77
N ASN A 162 13.96 -15.83 5.57
CA ASN A 162 15.11 -15.22 6.24
C ASN A 162 16.24 -14.95 5.22
N LYS A 163 15.90 -14.25 4.14
CA LYS A 163 16.78 -14.18 2.96
C LYS A 163 16.70 -12.86 2.25
N VAL A 164 17.87 -12.28 1.96
CA VAL A 164 18.01 -11.06 1.20
C VAL A 164 18.97 -11.44 0.06
N THR A 165 18.50 -11.20 -1.15
CA THR A 165 19.29 -11.38 -2.33
C THR A 165 19.16 -10.14 -3.21
N THR A 166 19.95 -10.09 -4.28
CA THR A 166 19.92 -9.02 -5.23
C THR A 166 19.53 -9.61 -6.59
N VAL A 167 18.42 -9.15 -7.15
CA VAL A 167 17.95 -9.69 -8.42
C VAL A 167 18.33 -8.81 -9.61
N HIS A 168 18.75 -7.55 -9.37
CA HIS A 168 19.09 -6.68 -10.48
C HIS A 168 20.17 -5.66 -10.10
N PRO A 169 21.43 -6.10 -10.11
CA PRO A 169 22.54 -5.16 -9.86
C PRO A 169 22.61 -4.12 -11.00
N GLY A 170 22.80 -2.86 -10.62
CA GLY A 170 23.09 -1.78 -11.58
C GLY A 170 21.89 -0.96 -11.97
N PHE A 171 20.69 -1.52 -11.76
CA PHE A 171 19.48 -0.85 -12.18
C PHE A 171 19.09 0.23 -11.20
N LYS A 172 18.84 1.44 -11.71
CA LYS A 172 18.44 2.57 -10.91
C LYS A 172 17.01 2.92 -11.28
N GLY A 173 16.08 2.54 -10.40
CA GLY A 173 14.67 2.86 -10.52
C GLY A 173 14.10 3.32 -9.20
N GLY A 174 12.97 4.01 -9.24
CA GLY A 174 12.32 4.53 -8.04
C GLY A 174 11.16 3.62 -7.68
N LYS A 175 9.99 4.21 -7.52
CA LYS A 175 8.81 3.46 -7.12
C LYS A 175 8.31 2.56 -8.25
N PRO A 176 8.15 1.25 -7.96
CA PRO A 176 7.67 0.31 -8.96
C PRO A 176 6.15 0.20 -8.91
N ALA A 177 5.56 -0.44 -9.92
CA ALA A 177 4.15 -0.82 -9.90
C ALA A 177 4.01 -2.33 -9.70
N VAL A 178 2.99 -2.76 -8.95
CA VAL A 178 2.75 -4.18 -8.71
C VAL A 178 1.39 -4.52 -9.28
N THR A 179 1.28 -5.64 -9.99
CA THR A 179 -0.01 -6.03 -10.53
C THR A 179 -0.89 -6.51 -9.39
N LYS A 180 -2.21 -6.50 -9.60
CA LYS A 180 -3.17 -6.96 -8.59
C LYS A 180 -2.90 -8.38 -8.13
N ASP A 181 -2.56 -9.25 -9.07
CA ASP A 181 -2.29 -10.64 -8.75
C ASP A 181 -0.90 -10.85 -8.18
N LYS A 182 -0.11 -9.78 -8.15
CA LYS A 182 1.23 -9.78 -7.55
C LYS A 182 2.21 -10.70 -8.26
N GLN A 183 1.91 -11.08 -9.48
CA GLN A 183 2.79 -11.97 -10.22
C GLN A 183 3.85 -11.17 -10.98
N ARG A 184 3.65 -9.86 -11.11
CA ARG A 184 4.60 -8.98 -11.81
C ARG A 184 4.84 -7.65 -11.09
N VAL A 185 6.07 -7.17 -11.18
CA VAL A 185 6.46 -5.84 -10.73
C VAL A 185 7.09 -5.12 -11.92
N TYR A 186 6.69 -3.88 -12.16
CA TYR A 186 7.25 -3.08 -13.27
C TYR A 186 8.07 -1.91 -12.72
N SER A 187 9.18 -1.64 -13.38
CA SER A 187 10.04 -0.50 -13.07
C SER A 187 10.43 0.21 -14.36
N ILE A 188 10.61 1.52 -14.26
CA ILE A 188 11.21 2.26 -15.34
C ILE A 188 12.49 2.89 -14.81
N GLY A 189 13.55 2.80 -15.60
CA GLY A 189 14.82 3.43 -15.27
C GLY A 189 14.70 4.94 -15.05
N TRP A 190 15.35 5.38 -14.00
CA TRP A 190 15.38 6.77 -13.53
C TRP A 190 15.87 7.75 -14.60
N GLU A 191 16.92 7.40 -15.35
CA GLU A 191 17.50 8.33 -16.29
C GLU A 191 17.80 7.64 -17.63
N GLY A 192 18.59 8.28 -18.49
CA GLY A 192 18.95 7.70 -19.79
C GLY A 192 17.72 7.55 -20.66
N THR A 193 17.63 6.42 -21.37
CA THR A 193 16.47 6.12 -22.21
C THR A 193 15.27 5.57 -21.43
N HIS A 194 15.37 5.48 -20.09
CA HIS A 194 14.30 4.98 -19.23
C HIS A 194 13.84 3.57 -19.66
N THR A 195 14.73 2.61 -19.47
CA THR A 195 14.43 1.22 -19.79
C THR A 195 13.32 0.69 -18.90
N VAL A 196 12.39 -0.04 -19.50
CA VAL A 196 11.27 -0.61 -18.77
C VAL A 196 11.57 -2.07 -18.51
N TYR A 197 11.47 -2.47 -17.25
CA TYR A 197 11.66 -3.86 -16.85
C TYR A 197 10.43 -4.43 -16.17
N VAL A 198 10.26 -5.74 -16.33
CA VAL A 198 9.28 -6.49 -15.53
C VAL A 198 10.04 -7.54 -14.71
N TYR A 199 9.62 -7.69 -13.45
CA TYR A 199 10.12 -8.73 -12.56
C TYR A 199 8.98 -9.71 -12.31
N MSE A 200 9.20 -10.96 -12.65
CA MSE A 200 8.14 -11.96 -12.58
C MSE A 200 8.38 -13.02 -11.52
O MSE A 200 9.49 -13.57 -11.41
CB MSE A 200 7.95 -12.58 -13.95
CG MSE A 200 7.40 -11.60 -14.95
SE MSE A 200 7.03 -12.42 -16.64
CE MSE A 200 8.82 -12.44 -17.41
N LYS A 201 7.33 -13.32 -10.77
CA LYS A 201 7.39 -14.37 -9.76
C LYS A 201 7.90 -15.68 -10.37
N ALA A 202 7.44 -15.98 -11.58
CA ALA A 202 7.80 -17.21 -12.27
C ALA A 202 9.29 -17.26 -12.62
N SER A 203 9.94 -16.10 -12.70
CA SER A 203 11.40 -16.01 -12.90
C SER A 203 12.17 -15.89 -11.59
N GLY A 204 11.51 -16.06 -10.44
CA GLY A 204 12.15 -15.73 -9.16
C GLY A 204 12.50 -14.24 -9.05
N TRP A 205 11.67 -13.42 -9.67
CA TRP A 205 11.81 -11.97 -9.67
C TRP A 205 13.04 -11.44 -10.43
N ALA A 206 13.59 -12.27 -11.34
CA ALA A 206 14.60 -11.81 -12.26
C ALA A 206 13.98 -10.83 -13.24
N PRO A 207 14.73 -9.80 -13.65
CA PRO A 207 14.26 -8.78 -14.59
C PRO A 207 14.19 -9.27 -16.04
N THR A 208 13.17 -8.80 -16.77
CA THR A 208 13.11 -8.91 -18.23
C THR A 208 12.87 -7.52 -18.81
N ARG A 209 13.72 -7.09 -19.73
CA ARG A 209 13.53 -5.80 -20.39
C ARG A 209 12.36 -5.90 -21.35
N ILE A 210 11.41 -4.97 -21.24
CA ILE A 210 10.24 -5.00 -22.12
C ILE A 210 10.11 -3.76 -23.02
N GLY A 211 11.01 -2.80 -22.84
CA GLY A 211 11.03 -1.62 -23.69
C GLY A 211 11.81 -0.46 -23.10
N GLN A 212 11.63 0.72 -23.68
CA GLN A 212 12.22 1.95 -23.14
C GLN A 212 11.38 3.13 -23.55
N LEU A 213 11.42 4.20 -22.76
CA LEU A 213 10.62 5.39 -23.06
C LEU A 213 11.27 6.30 -24.09
N GLY A 214 12.61 6.29 -24.17
CA GLY A 214 13.33 7.25 -24.98
C GLY A 214 13.63 8.48 -24.15
N SER A 215 14.74 9.15 -24.47
CA SER A 215 15.18 10.31 -23.70
C SER A 215 14.36 11.58 -24.07
N THR A 216 13.35 11.39 -24.94
CA THR A 216 12.22 12.30 -25.10
C THR A 216 11.56 12.71 -23.77
N PHE A 217 11.38 11.74 -22.88
CA PHE A 217 11.05 12.03 -21.50
C PHE A 217 12.37 12.44 -20.85
N SER A 218 12.63 13.73 -20.95
CA SER A 218 13.93 14.32 -20.65
C SER A 218 14.19 14.45 -19.16
N GLY A 219 13.13 14.31 -18.37
CA GLY A 219 13.24 14.43 -16.94
C GLY A 219 13.65 13.11 -16.33
N LYS A 220 13.92 13.14 -15.04
CA LYS A 220 14.09 11.93 -14.26
C LYS A 220 12.74 11.32 -13.98
N ILE A 221 12.73 9.99 -13.89
CA ILE A 221 11.50 9.26 -13.62
C ILE A 221 11.60 8.52 -12.29
N GLY A 222 10.76 8.93 -11.34
CA GLY A 222 10.86 8.42 -9.99
C GLY A 222 9.81 7.41 -9.59
N ALA A 223 8.87 7.16 -10.48
CA ALA A 223 7.73 6.29 -10.15
C ALA A 223 7.01 5.84 -11.41
N VAL A 224 6.40 4.66 -11.34
CA VAL A 224 5.50 4.21 -12.41
CA VAL A 224 5.50 4.20 -12.40
C VAL A 224 4.24 3.63 -11.76
N ALA A 225 3.11 3.77 -12.45
CA ALA A 225 1.81 3.30 -11.97
C ALA A 225 1.09 2.59 -13.11
N LEU A 226 0.49 1.45 -12.77
CA LEU A 226 -0.32 0.71 -13.74
C LEU A 226 -1.71 1.34 -13.81
N ASP A 227 -2.29 1.36 -15.00
CA ASP A 227 -3.69 1.74 -15.17
CA ASP A 227 -3.69 1.73 -15.18
C ASP A 227 -4.60 0.60 -14.70
N GLU A 228 -5.92 0.84 -14.73
CA GLU A 228 -6.89 -0.15 -14.29
C GLU A 228 -6.71 -1.52 -14.97
N THR A 229 -6.48 -1.50 -16.27
CA THR A 229 -6.39 -2.72 -17.07
C THR A 229 -5.02 -3.40 -16.97
N GLU A 230 -4.06 -2.71 -16.37
CA GLU A 230 -2.68 -3.18 -16.27
C GLU A 230 -2.05 -3.46 -17.63
N GLU A 231 -2.55 -2.79 -18.65
CA GLU A 231 -1.92 -2.82 -19.95
C GLU A 231 -0.93 -1.65 -20.10
N TRP A 232 -1.12 -0.61 -19.28
CA TRP A 232 -0.34 0.62 -19.41
C TRP A 232 0.39 0.97 -18.13
N LEU A 233 1.63 1.43 -18.29
CA LEU A 233 2.36 2.10 -17.21
C LEU A 233 2.33 3.61 -17.42
N TYR A 234 1.92 4.34 -16.38
CA TYR A 234 1.85 5.79 -16.39
C TYR A 234 2.96 6.36 -15.52
N PHE A 235 3.39 7.57 -15.85
CA PHE A 235 4.50 8.23 -15.17
C PHE A 235 4.49 9.71 -15.50
N VAL A 236 5.06 10.50 -14.59
CA VAL A 236 5.33 11.91 -14.82
C VAL A 236 6.82 12.14 -14.56
N ASP A 237 7.57 12.59 -15.56
CA ASP A 237 9.00 12.86 -15.32
C ASP A 237 9.19 14.20 -14.61
N SER A 238 10.41 14.50 -14.21
CA SER A 238 10.67 15.66 -13.36
C SER A 238 10.60 16.97 -14.13
N ASN A 239 10.51 16.88 -15.46
CA ASN A 239 10.21 18.03 -16.30
C ASN A 239 8.72 18.15 -16.66
N LYS A 240 7.88 17.40 -15.94
CA LYS A 240 6.42 17.50 -15.97
C LYS A 240 5.82 16.74 -17.16
N ASN A 241 6.62 15.94 -17.83
CA ASN A 241 6.13 15.16 -18.95
C ASN A 241 5.36 13.95 -18.45
N PHE A 242 4.03 14.01 -18.61
CA PHE A 242 3.13 12.95 -18.20
C PHE A 242 2.89 12.06 -19.40
N GLY A 243 3.10 10.76 -19.25
CA GLY A 243 3.04 9.86 -20.39
C GLY A 243 2.67 8.44 -19.99
N ARG A 244 2.57 7.56 -20.98
CA ARG A 244 2.29 6.16 -20.70
C ARG A 244 2.97 5.23 -21.70
N PHE A 245 3.13 3.98 -21.28
CA PHE A 245 3.85 2.96 -22.04
C PHE A 245 3.03 1.67 -21.97
N ASN A 246 2.78 1.07 -23.13
CA ASN A 246 2.04 -0.18 -23.20
C ASN A 246 2.96 -1.40 -22.98
N VAL A 247 2.70 -2.16 -21.93
CA VAL A 247 3.58 -3.27 -21.52
C VAL A 247 3.55 -4.50 -22.46
N LYS A 248 2.55 -4.59 -23.33
N LYS A 248 2.56 -4.56 -23.34
CA LYS A 248 2.48 -5.68 -24.31
CA LYS A 248 2.38 -5.66 -24.29
C LYS A 248 2.99 -5.23 -25.67
C LYS A 248 2.84 -5.28 -25.69
N THR A 249 2.60 -4.03 -26.09
CA THR A 249 2.93 -3.55 -27.45
C THR A 249 4.10 -2.59 -27.52
N GLN A 250 4.54 -2.09 -26.36
CA GLN A 250 5.67 -1.16 -26.31
CA GLN A 250 5.66 -1.13 -26.26
C GLN A 250 5.33 0.26 -26.80
N GLU A 251 4.06 0.51 -27.10
CA GLU A 251 3.68 1.86 -27.53
C GLU A 251 3.98 2.86 -26.41
N VAL A 252 4.53 4.02 -26.76
CA VAL A 252 4.84 5.09 -25.80
C VAL A 252 4.14 6.35 -26.26
N THR A 253 3.58 7.09 -25.32
CA THR A 253 2.79 8.28 -25.62
C THR A 253 3.05 9.36 -24.59
N LEU A 254 3.35 10.56 -25.08
CA LEU A 254 3.36 11.74 -24.22
C LEU A 254 1.93 12.26 -24.14
N ILE A 255 1.33 12.18 -22.96
CA ILE A 255 -0.05 12.61 -22.80
C ILE A 255 -0.13 14.13 -22.72
N LYS A 256 0.67 14.71 -21.85
CA LYS A 256 0.70 16.14 -21.65
C LYS A 256 1.89 16.51 -20.81
N GLN A 257 2.41 17.70 -21.03
N GLN A 257 2.48 17.68 -21.03
CA GLN A 257 3.31 18.36 -20.12
CA GLN A 257 3.36 18.25 -20.03
C GLN A 257 2.44 19.06 -19.08
C GLN A 257 2.47 19.03 -19.08
N LEU A 258 2.47 18.60 -17.83
CA LEU A 258 1.56 19.14 -16.80
C LEU A 258 1.69 20.64 -16.59
N GLU A 259 0.54 21.30 -16.45
CA GLU A 259 0.52 22.72 -16.11
C GLU A 259 0.64 22.90 -14.62
N LEU A 260 1.86 22.81 -14.13
CA LEU A 260 2.19 23.02 -12.74
C LEU A 260 3.31 24.04 -12.73
N SER A 261 3.25 25.00 -11.83
CA SER A 261 4.35 25.97 -11.70
C SER A 261 5.46 25.47 -10.78
N GLY A 262 6.69 25.88 -11.07
CA GLY A 262 7.82 25.53 -10.21
C GLY A 262 8.54 24.28 -10.69
N SER A 263 9.63 23.96 -10.01
CA SER A 263 10.46 22.86 -10.42
C SER A 263 10.15 21.63 -9.57
N LEU A 264 9.86 20.51 -10.22
CA LEU A 264 9.65 19.25 -9.52
C LEU A 264 11.02 18.70 -9.12
N GLY A 265 11.00 17.79 -8.17
CA GLY A 265 12.21 17.15 -7.69
C GLY A 265 12.74 16.06 -8.61
N THR A 266 14.01 15.70 -8.41
CA THR A 266 14.69 14.74 -9.23
C THR A 266 15.35 13.65 -8.37
N ASN A 267 14.88 13.52 -7.14
CA ASN A 267 15.49 12.61 -6.17
C ASN A 267 14.44 11.71 -5.49
N PRO A 268 13.81 10.79 -6.25
CA PRO A 268 14.03 10.42 -7.64
C PRO A 268 13.21 11.22 -8.66
N GLY A 269 12.20 11.95 -8.19
CA GLY A 269 11.25 12.62 -9.08
C GLY A 269 9.90 12.44 -8.42
N PRO A 270 8.85 13.07 -9.00
CA PRO A 270 7.51 12.94 -8.40
C PRO A 270 7.10 11.48 -8.23
N TYR A 271 6.45 11.17 -7.12
CA TYR A 271 5.92 9.83 -6.92
C TYR A 271 4.50 9.81 -7.48
N LEU A 272 4.14 8.71 -8.11
CA LEU A 272 2.84 8.62 -8.77
C LEU A 272 2.19 7.30 -8.40
N ILE A 273 0.89 7.36 -8.10
CA ILE A 273 0.11 6.15 -7.91
C ILE A 273 -1.19 6.21 -8.67
N TYR A 274 -1.74 5.02 -8.94
CA TYR A 274 -3.07 4.85 -9.50
C TYR A 274 -4.04 4.69 -8.34
N TYR A 275 -5.17 5.39 -8.40
CA TYR A 275 -6.18 5.30 -7.35
C TYR A 275 -7.42 4.59 -7.83
N PHE A 276 -7.70 3.43 -7.26
CA PHE A 276 -8.80 2.61 -7.79
C PHE A 276 -10.17 3.23 -7.64
N VAL A 277 -10.35 4.07 -6.62
CA VAL A 277 -11.66 4.66 -6.32
C VAL A 277 -12.17 5.52 -7.48
N ASP A 278 -11.30 6.36 -8.04
CA ASP A 278 -11.72 7.26 -9.14
C ASP A 278 -11.01 7.03 -10.48
N SER A 279 -10.08 6.07 -10.51
CA SER A 279 -9.26 5.77 -11.68
C SER A 279 -8.46 6.97 -12.21
N ASN A 280 -8.10 7.86 -11.29
CA ASN A 280 -7.17 8.93 -11.57
C ASN A 280 -5.84 8.56 -10.97
N PHE A 281 -4.79 9.31 -11.31
CA PHE A 281 -3.50 9.15 -10.71
C PHE A 281 -3.28 10.26 -9.71
N TYR A 282 -2.43 9.99 -8.74
CA TYR A 282 -2.14 10.97 -7.71
C TYR A 282 -0.63 11.07 -7.61
N MSE A 283 -0.15 12.31 -7.53
CA MSE A 283 1.28 12.63 -7.66
C MSE A 283 1.72 13.41 -6.43
O MSE A 283 1.04 14.34 -6.03
CB MSE A 283 1.52 13.48 -8.90
CG MSE A 283 2.97 13.71 -9.26
SE MSE A 283 3.32 15.25 -10.37
CE MSE A 283 3.09 16.67 -9.04
N SER A 284 2.85 13.03 -5.83
CA SER A 284 3.44 13.84 -4.78
C SER A 284 4.74 14.40 -5.31
N ASP A 285 5.12 15.56 -4.78
CA ASP A 285 6.41 16.13 -5.07
C ASP A 285 7.01 16.78 -3.84
N GLN A 286 8.30 16.60 -3.66
CA GLN A 286 8.98 17.16 -2.50
C GLN A 286 9.00 18.69 -2.51
N ASN A 287 9.29 19.26 -3.67
CA ASN A 287 9.42 20.71 -3.81
C ASN A 287 8.07 21.39 -3.71
N LEU A 288 7.03 20.81 -4.31
CA LEU A 288 5.71 21.38 -4.17
C LEU A 288 5.08 20.98 -2.83
N SER A 289 5.70 20.01 -2.15
CA SER A 289 5.26 19.53 -0.85
C SER A 289 3.76 19.33 -0.78
N SER A 290 3.24 18.71 -1.83
CA SER A 290 1.82 18.51 -1.99
C SER A 290 1.54 17.30 -2.85
N VAL A 291 0.27 16.90 -2.81
CA VAL A 291 -0.25 15.84 -3.65
C VAL A 291 -1.25 16.46 -4.62
N TYR A 292 -1.17 16.02 -5.88
CA TYR A 292 -2.10 16.43 -6.94
C TYR A 292 -2.84 15.25 -7.55
N LYS A 293 -4.08 15.49 -7.93
CA LYS A 293 -4.89 14.54 -8.68
C LYS A 293 -4.61 14.84 -10.15
N ILE A 294 -4.27 13.79 -10.90
CA ILE A 294 -4.03 13.91 -12.34
C ILE A 294 -4.97 12.93 -13.04
N THR A 295 -5.81 13.46 -13.92
CA THR A 295 -6.68 12.62 -14.73
C THR A 295 -5.85 11.94 -15.83
N PRO A 296 -6.40 10.87 -16.42
CA PRO A 296 -5.65 10.19 -17.49
C PRO A 296 -5.29 11.06 -18.69
N ASP A 297 -6.00 12.18 -18.89
CA ASP A 297 -5.71 13.15 -19.95
C ASP A 297 -4.75 14.26 -19.53
N GLY A 298 -4.28 14.20 -18.30
CA GLY A 298 -3.25 15.12 -17.82
C GLY A 298 -3.75 16.39 -17.15
N GLU A 299 -5.03 16.39 -16.79
CA GLU A 299 -5.57 17.54 -16.06
CA GLU A 299 -5.62 17.51 -16.05
C GLU A 299 -5.16 17.36 -14.60
N CYS A 300 -4.63 18.44 -14.02
CA CYS A 300 -4.03 18.40 -12.70
CA CYS A 300 -4.05 18.41 -12.67
C CYS A 300 -4.85 19.27 -11.74
N GLU A 301 -5.07 18.79 -10.52
CA GLU A 301 -5.67 19.62 -9.50
C GLU A 301 -5.08 19.35 -8.13
N TRP A 302 -4.98 20.42 -7.36
CA TRP A 302 -4.51 20.32 -6.00
C TRP A 302 -5.37 19.34 -5.22
N PHE A 303 -4.72 18.46 -4.45
CA PHE A 303 -5.43 17.52 -3.60
C PHE A 303 -5.12 17.69 -2.11
N CYS A 304 -3.85 17.87 -1.77
CA CYS A 304 -3.49 18.05 -0.36
C CYS A 304 -2.11 18.70 -0.24
N GLY A 305 -2.00 19.66 0.66
CA GLY A 305 -0.70 20.19 1.07
C GLY A 305 -0.49 21.59 0.58
N SER A 306 0.64 22.17 0.98
CA SER A 306 1.03 23.49 0.53
C SER A 306 2.45 23.51 -0.03
N ALA A 307 2.61 24.13 -1.20
CA ALA A 307 3.95 24.38 -1.78
C ALA A 307 4.80 25.38 -0.99
N THR A 308 4.19 26.19 -0.13
CA THR A 308 4.93 27.18 0.65
C THR A 308 5.09 26.84 2.15
N GLN A 309 4.56 25.71 2.59
CA GLN A 309 4.61 25.34 4.00
C GLN A 309 5.00 23.87 4.16
N LYS A 310 6.28 23.64 4.45
CA LYS A 310 6.82 22.32 4.61
C LYS A 310 6.96 22.01 6.10
N THR A 311 5.92 21.38 6.62
CA THR A 311 5.80 21.03 8.02
C THR A 311 4.73 19.95 8.14
N VAL A 312 4.85 19.09 9.14
CA VAL A 312 3.82 18.09 9.43
C VAL A 312 2.64 18.72 10.16
N GLN A 313 1.48 18.77 9.52
CA GLN A 313 0.25 19.24 10.16
C GLN A 313 -0.88 18.32 9.77
N ASP A 314 -1.53 17.78 10.79
CA ASP A 314 -2.69 16.91 10.64
C ASP A 314 -3.94 17.77 10.59
N GLY A 315 -5.04 17.19 10.13
CA GLY A 315 -6.29 17.93 10.01
C GLY A 315 -7.06 17.46 8.81
N LEU A 316 -8.11 18.18 8.46
N LEU A 316 -8.11 18.18 8.46
CA LEU A 316 -8.87 17.88 7.26
CA LEU A 316 -8.87 17.88 7.25
C LEU A 316 -7.95 17.97 6.04
C LEU A 316 -7.93 17.95 6.06
N ARG A 317 -8.23 17.18 5.02
CA ARG A 317 -7.40 17.14 3.83
C ARG A 317 -7.00 18.56 3.37
N GLU A 318 -7.98 19.47 3.37
CA GLU A 318 -7.82 20.83 2.89
C GLU A 318 -6.92 21.76 3.71
N GLU A 319 -6.53 21.35 4.92
CA GLU A 319 -5.60 22.15 5.74
C GLU A 319 -4.31 21.37 6.10
N ALA A 320 -4.23 20.08 5.76
CA ALA A 320 -3.10 19.26 6.14
C ALA A 320 -1.83 19.73 5.38
N LEU A 321 -0.69 19.55 6.02
CA LEU A 321 0.59 19.90 5.43
C LEU A 321 1.55 18.73 5.54
N PHE A 322 2.49 18.65 4.59
CA PHE A 322 3.59 17.70 4.61
C PHE A 322 4.92 18.42 4.77
N ALA A 323 5.87 17.78 5.43
CA ALA A 323 7.24 18.26 5.43
C ALA A 323 7.94 17.94 4.10
N GLN A 324 7.85 16.67 3.71
CA GLN A 324 8.47 16.17 2.48
C GLN A 324 7.72 14.94 2.05
N PRO A 325 6.59 15.14 1.34
CA PRO A 325 5.78 14.00 0.98
C PRO A 325 6.52 13.19 -0.09
N ASN A 326 6.77 11.90 0.18
CA ASN A 326 7.52 11.02 -0.70
C ASN A 326 6.58 9.97 -1.31
N GLY A 327 6.91 8.70 -1.21
CA GLY A 327 6.05 7.67 -1.82
C GLY A 327 4.73 7.48 -1.11
N MSE A 328 3.82 6.76 -1.79
CA MSE A 328 2.43 6.61 -1.36
C MSE A 328 1.94 5.23 -1.65
O MSE A 328 2.45 4.54 -2.53
CB MSE A 328 1.55 7.64 -2.08
CG MSE A 328 2.02 9.07 -1.93
SE MSE A 328 0.90 10.26 -2.96
CE MSE A 328 1.63 9.75 -4.60
N THR A 329 0.92 4.82 -0.90
CA THR A 329 0.18 3.61 -1.23
C THR A 329 -1.27 3.80 -0.79
N VAL A 330 -2.10 2.85 -1.14
CA VAL A 330 -3.53 2.94 -0.87
C VAL A 330 -4.00 1.61 -0.27
N ASP A 331 -4.92 1.66 0.70
CA ASP A 331 -5.49 0.42 1.26
C ASP A 331 -6.83 0.07 0.59
N GLU A 332 -7.41 -1.08 0.98
CA GLU A 332 -8.64 -1.58 0.32
C GLU A 332 -9.89 -0.72 0.56
N ASP A 333 -9.79 0.22 1.50
CA ASP A 333 -10.83 1.21 1.76
C ASP A 333 -10.64 2.52 1.00
N GLY A 334 -9.56 2.63 0.23
CA GLY A 334 -9.28 3.83 -0.55
C GLY A 334 -8.60 4.90 0.29
N ASN A 335 -8.12 4.54 1.47
CA ASN A 335 -7.32 5.48 2.25
C ASN A 335 -5.94 5.60 1.62
N PHE A 336 -5.40 6.80 1.66
CA PHE A 336 -4.02 7.07 1.18
C PHE A 336 -3.03 7.05 2.33
N TYR A 337 -1.85 6.56 2.02
CA TYR A 337 -0.69 6.57 2.95
C TYR A 337 0.48 7.23 2.24
N ILE A 338 1.09 8.19 2.93
CA ILE A 338 2.20 8.96 2.40
C ILE A 338 3.30 8.93 3.44
N VAL A 339 4.51 8.53 3.02
CA VAL A 339 5.64 8.63 3.94
C VAL A 339 6.18 10.05 3.80
N ASP A 340 6.47 10.67 4.95
CA ASP A 340 6.88 12.05 5.03
C ASP A 340 8.34 12.06 5.48
N GLY A 341 9.21 12.60 4.63
CA GLY A 341 10.66 12.51 4.86
C GLY A 341 11.20 13.62 5.73
N PHE A 342 12.14 14.39 5.16
CA PHE A 342 12.87 15.44 5.88
C PHE A 342 12.02 16.39 6.73
N LYS A 343 12.39 16.50 8.00
CA LYS A 343 11.68 17.28 9.04
C LYS A 343 10.35 16.64 9.46
N GLY A 344 10.03 15.46 8.92
CA GLY A 344 8.81 14.72 9.27
C GLY A 344 9.08 13.35 9.88
N TYR A 345 9.54 12.43 9.04
CA TYR A 345 9.91 11.06 9.43
C TYR A 345 8.72 10.34 10.00
N CYS A 346 7.61 10.41 9.27
CA CYS A 346 6.41 9.80 9.80
C CYS A 346 5.50 9.37 8.67
N LEU A 347 4.48 8.60 9.05
CA LEU A 347 3.54 7.99 8.10
C LEU A 347 2.23 8.74 8.19
N ARG A 348 1.81 9.32 7.07
CA ARG A 348 0.58 10.12 7.05
C ARG A 348 -0.52 9.27 6.42
N LYS A 349 -1.70 9.28 7.05
CA LYS A 349 -2.84 8.57 6.48
C LYS A 349 -3.94 9.57 6.18
N LEU A 350 -4.41 9.58 4.93
CA LEU A 350 -5.65 10.29 4.58
C LEU A 350 -6.78 9.26 4.62
N ASP A 351 -7.61 9.38 5.62
CA ASP A 351 -8.81 8.56 5.76
C ASP A 351 -9.87 9.22 4.88
N ILE A 352 -10.27 8.55 3.81
CA ILE A 352 -11.15 9.20 2.82
C ILE A 352 -12.58 9.36 3.28
N LEU A 353 -13.05 8.48 4.16
CA LEU A 353 -14.38 8.61 4.69
C LEU A 353 -14.47 9.82 5.60
N ASP A 354 -13.44 10.06 6.40
CA ASP A 354 -13.36 11.26 7.26
C ASP A 354 -12.86 12.51 6.51
N GLY A 355 -12.22 12.32 5.35
CA GLY A 355 -11.50 13.40 4.68
C GLY A 355 -10.43 14.02 5.57
N TYR A 356 -9.72 13.17 6.32
CA TYR A 356 -8.87 13.62 7.41
C TYR A 356 -7.50 12.99 7.35
N VAL A 357 -6.47 13.83 7.51
CA VAL A 357 -5.09 13.41 7.52
C VAL A 357 -4.56 13.30 8.95
N SER A 358 -4.14 12.09 9.33
CA SER A 358 -3.57 11.85 10.64
CA SER A 358 -3.60 11.79 10.65
C SER A 358 -2.20 11.21 10.49
N THR A 359 -1.36 11.41 11.49
CA THR A 359 -0.02 10.85 11.50
C THR A 359 -0.08 9.60 12.38
N VAL A 360 0.01 8.44 11.75
CA VAL A 360 -0.30 7.17 12.41
C VAL A 360 0.93 6.43 12.92
N ALA A 361 2.12 6.83 12.49
CA ALA A 361 3.36 6.18 12.95
C ALA A 361 4.51 7.16 12.81
N GLY A 362 5.47 7.04 13.71
CA GLY A 362 6.66 7.88 13.70
C GLY A 362 6.48 9.06 14.62
N GLN A 363 7.59 9.76 14.90
CA GLN A 363 7.58 10.94 15.73
C GLN A 363 8.18 12.08 14.95
N VAL A 364 7.43 13.17 14.89
CA VAL A 364 7.71 14.23 13.96
C VAL A 364 9.08 14.80 14.21
N ASP A 365 9.89 14.83 13.16
CA ASP A 365 11.23 15.39 13.17
C ASP A 365 12.19 14.66 14.14
N VAL A 366 11.97 13.38 14.31
CA VAL A 366 12.89 12.48 15.02
C VAL A 366 13.27 11.38 14.02
N ALA A 367 14.51 11.45 13.52
CA ALA A 367 15.02 10.50 12.54
C ALA A 367 15.79 9.41 13.28
N SER A 368 15.14 8.27 13.44
CA SER A 368 15.78 7.11 14.03
C SER A 368 14.96 5.87 13.65
N GLN A 369 15.26 4.74 14.26
CA GLN A 369 14.65 3.44 13.90
C GLN A 369 14.21 2.67 15.12
N ILE A 370 13.37 3.31 15.93
CA ILE A 370 12.79 2.65 17.08
C ILE A 370 11.63 1.77 16.57
N ASP A 371 11.57 0.51 17.00
CA ASP A 371 10.45 -0.39 16.71
C ASP A 371 9.46 -0.45 17.86
N GLY A 372 8.23 -0.86 17.54
CA GLY A 372 7.20 -1.09 18.54
C GLY A 372 5.88 -0.46 18.18
N THR A 373 5.17 0.02 19.19
CA THR A 373 3.87 0.64 18.96
C THR A 373 4.11 1.82 18.08
N PRO A 374 3.20 2.07 17.13
CA PRO A 374 3.61 2.97 16.06
C PRO A 374 3.92 4.40 16.46
N LEU A 375 3.27 4.92 17.50
CA LEU A 375 3.50 6.31 17.87
C LEU A 375 4.77 6.46 18.73
N GLU A 376 5.29 5.34 19.25
CA GLU A 376 6.62 5.33 19.87
C GLU A 376 7.71 5.03 18.87
N ALA A 377 7.36 4.37 17.78
CA ALA A 377 8.33 4.01 16.76
C ALA A 377 8.80 5.26 16.05
N THR A 378 9.95 5.14 15.37
CA THR A 378 10.48 6.25 14.58
C THR A 378 10.95 5.70 13.26
N PHE A 379 11.03 6.60 12.28
CA PHE A 379 11.56 6.32 10.98
C PHE A 379 12.73 7.26 10.68
N ASN A 380 13.56 6.81 9.74
CA ASN A 380 14.74 7.54 9.33
C ASN A 380 14.64 7.79 7.82
N TYR A 381 14.13 8.96 7.44
CA TYR A 381 13.84 9.27 6.05
C TYR A 381 13.03 8.20 5.27
N PRO A 382 11.81 7.94 5.73
CA PRO A 382 10.98 6.97 5.00
C PRO A 382 10.67 7.59 3.64
N TYR A 383 10.83 6.80 2.57
CA TYR A 383 10.84 7.34 1.23
C TYR A 383 9.85 6.71 0.27
N ASP A 384 9.60 5.41 0.40
CA ASP A 384 8.53 4.81 -0.36
C ASP A 384 7.83 3.82 0.53
N ILE A 385 6.61 3.48 0.13
CA ILE A 385 5.75 2.60 0.93
C ILE A 385 4.90 1.81 -0.05
N CYS A 386 4.64 0.56 0.31
CA CYS A 386 3.76 -0.28 -0.51
C CYS A 386 2.93 -1.24 0.38
N TYR A 387 1.63 -1.20 0.17
CA TYR A 387 0.71 -2.04 0.91
C TYR A 387 0.62 -3.45 0.32
N ASP A 388 0.57 -4.46 1.19
CA ASP A 388 0.52 -5.88 0.74
C ASP A 388 -0.85 -6.48 0.62
N GLY A 389 -1.90 -5.68 0.88
CA GLY A 389 -3.28 -6.18 0.75
C GLY A 389 -3.85 -6.86 1.99
N GLU A 390 -3.00 -7.05 3.01
CA GLU A 390 -3.34 -7.87 4.18
C GLU A 390 -2.92 -7.18 5.49
N GLY A 391 -2.92 -5.85 5.51
CA GLY A 391 -2.56 -5.09 6.71
C GLY A 391 -1.10 -4.71 6.87
N GLY A 392 -0.26 -5.15 5.95
CA GLY A 392 1.16 -4.83 5.94
C GLY A 392 1.58 -3.68 5.05
N TYR A 393 2.21 -2.68 5.66
CA TYR A 393 2.75 -1.53 4.96
C TYR A 393 4.27 -1.57 4.98
N TRP A 394 4.87 -1.84 3.84
CA TRP A 394 6.32 -2.00 3.73
C TRP A 394 6.97 -0.72 3.27
N ILE A 395 7.98 -0.28 4.03
CA ILE A 395 8.56 1.05 3.92
C ILE A 395 10.04 0.93 3.63
N ALA A 396 10.48 1.58 2.56
CA ALA A 396 11.91 1.68 2.26
C ALA A 396 12.39 3.04 2.75
N GLU A 397 13.47 2.99 3.51
CA GLU A 397 14.09 4.21 4.05
C GLU A 397 15.33 4.61 3.24
N ALA A 398 15.55 5.91 3.17
CA ALA A 398 16.69 6.48 2.48
C ALA A 398 17.90 6.42 3.41
N TRP A 399 18.11 7.45 4.24
CA TRP A 399 19.29 7.48 5.10
C TRP A 399 19.19 6.41 6.18
N GLY A 400 17.99 5.88 6.41
CA GLY A 400 17.81 4.72 7.27
C GLY A 400 18.41 3.42 6.73
N LYS A 401 18.50 3.32 5.40
CA LYS A 401 19.13 2.16 4.75
C LYS A 401 18.50 0.85 5.25
N ALA A 402 17.18 0.87 5.36
CA ALA A 402 16.45 -0.24 5.97
C ALA A 402 15.07 -0.37 5.38
N ILE A 403 14.55 -1.56 5.55
CA ILE A 403 13.17 -1.85 5.23
C ILE A 403 12.45 -1.94 6.57
N ARG A 404 11.38 -1.18 6.69
CA ARG A 404 10.51 -1.29 7.87
C ARG A 404 9.14 -1.81 7.47
N LYS A 405 8.41 -2.31 8.45
CA LYS A 405 7.05 -2.78 8.23
C LYS A 405 6.15 -2.21 9.32
N TYR A 406 5.10 -1.53 8.87
CA TYR A 406 4.03 -1.07 9.75
C TYR A 406 2.90 -2.05 9.51
N ALA A 407 2.52 -2.74 10.56
CA ALA A 407 1.55 -3.82 10.47
C ALA A 407 0.32 -3.43 11.25
N VAL A 408 -0.85 -3.57 10.61
CA VAL A 408 -2.13 -3.26 11.24
C VAL A 408 -2.99 -4.50 11.10
N GLU A 409 -3.32 -5.09 12.26
CA GLU A 409 -4.10 -6.29 12.37
C GLU A 409 -5.41 -6.03 13.09
C1 MPD B . -7.77 -0.84 9.34
C2 MPD B . -8.35 -2.10 8.68
O2 MPD B . -7.66 -3.26 9.22
CM MPD B . -9.83 -2.29 8.99
C3 MPD B . -8.13 -2.10 7.17
C4 MPD B . -8.47 -0.78 6.48
O4 MPD B . -7.48 0.20 6.72
C5 MPD B . -8.58 -1.04 4.99
C1 EDO C . -33.59 -12.61 6.34
O1 EDO C . -34.30 -13.85 6.17
C2 EDO C . -34.31 -11.71 7.35
O2 EDO C . -35.57 -11.27 6.84
C1 EDO D . -29.52 -23.18 0.08
O1 EDO D . -28.68 -23.53 -1.03
C2 EDO D . -28.69 -22.77 1.29
O2 EDO D . -27.80 -23.82 1.65
C1 EDO E . -27.35 -11.05 18.56
O1 EDO E . -26.93 -9.72 18.88
C2 EDO E . -28.82 -11.04 18.14
O2 EDO E . -29.02 -10.07 17.10
C1 EDO F . -39.38 -17.70 -0.65
O1 EDO F . -39.38 -17.78 0.78
C2 EDO F . -40.15 -18.85 -1.28
O2 EDO F . -39.44 -20.05 -1.10
C1 EDO G . 23.27 -1.25 -18.86
O1 EDO G . 23.44 0.04 -18.25
C2 EDO G . 22.60 -2.19 -17.87
O2 EDO G . 21.31 -1.64 -17.57
C1 EDO H . -24.14 -16.09 -0.42
O1 EDO H . -23.59 -15.54 -1.63
C2 EDO H . -25.28 -15.22 0.07
O2 EDO H . -26.32 -15.22 -0.92
C1 EDO I . -13.50 5.03 8.40
O1 EDO I . -12.45 5.12 7.43
C2 EDO I . -12.92 5.22 9.79
O2 EDO I . -12.42 6.56 9.98
C1 EDO J . -30.66 -20.54 19.35
O1 EDO J . -30.97 -19.32 20.04
C2 EDO J . -30.10 -20.25 17.96
O2 EDO J . -29.59 -21.45 17.38
C1 EDO K . -6.92 4.70 -15.47
O1 EDO K . -7.14 3.29 -15.57
C2 EDO K . -6.24 5.24 -16.73
O2 EDO K . -7.13 5.21 -17.85
C1 EDO L . -23.93 -10.74 22.48
O1 EDO L . -24.39 -10.89 23.83
C2 EDO L . -23.76 -12.13 21.94
O2 EDO L . -25.03 -12.66 21.60
C1 EDO M . -1.82 -3.97 -6.79
O1 EDO M . -2.97 -3.68 -5.99
C2 EDO M . -0.83 -4.78 -5.97
O2 EDO M . -1.30 -6.10 -5.68
C1 EDO N . 16.52 11.80 -19.37
O1 EDO N . 17.09 10.71 -20.12
C2 EDO N . 16.81 11.69 -17.88
O2 EDO N . 18.22 11.80 -17.62
C1 EDO O . 20.86 3.05 -15.74
O1 EDO O . 20.86 4.38 -15.21
C2 EDO O . 20.67 2.04 -14.61
O2 EDO O . 19.29 1.64 -14.46
C1 EDO P . 20.10 3.73 -19.83
O1 EDO P . 19.71 4.63 -20.87
C2 EDO P . 19.48 2.35 -20.04
O2 EDO P . 18.06 2.42 -19.78
#